data_6WNZ
#
_entry.id   6WNZ
#
_cell.length_a   55.227
_cell.length_b   102.448
_cell.length_c   128.178
_cell.angle_alpha   90.000
_cell.angle_beta   90.000
_cell.angle_gamma   90.000
#
_symmetry.space_group_name_H-M   'P 21 21 21'
#
loop_
_entity.id
_entity.type
_entity.pdbx_description
1 polymer 'Minichromosome maintenance protein MCM'
2 non-polymer 'ZINC ION'
3 water water
#
_entity_poly.entity_id   1
_entity_poly.type   'polypeptide(L)'
_entity_poly.pdbx_seq_one_letter_code
;SMEIPSKQIDYRDVFIEFLTTFKGNNNQNKYIERINELVAYRKKSLIIEFSDVLSFNENLAYEIINNTKIILPILEGALY
DHILQLDPTYQRDIEKVHVRIVGIPRVIELRKIRSTDIGKLITIDGILVKVTPVKERIYKATYKHIHPDCMQEFEWPEDE
EMPEVLEMPTICPKCGKPGQFRLIPEKTKLIDWQKAVIQERPEEVPSGQLPRQLEIILEDDLVDSARPGDRVKVTGILDI
KQDSPVKRGSRAVFDIYMKVSSIEVSQKVL
;
_entity_poly.pdbx_strand_id   B,A
#
# COMPACT_ATOMS: atom_id res chain seq x y z
N ILE A 9 14.12 13.37 26.48
CA ILE A 9 15.13 13.52 25.37
C ILE A 9 14.42 13.35 24.02
N ASP A 10 14.35 14.43 23.25
CA ASP A 10 13.67 14.43 21.96
C ASP A 10 14.67 14.21 20.82
N TYR A 11 14.89 12.95 20.46
CA TYR A 11 15.84 12.59 19.40
C TYR A 11 15.37 13.03 18.02
N ARG A 12 14.05 13.20 17.85
CA ARG A 12 13.49 13.73 16.61
C ARG A 12 14.11 15.07 16.24
N ASP A 13 14.20 15.97 17.22
CA ASP A 13 14.71 17.32 17.00
C ASP A 13 16.20 17.34 16.69
N VAL A 14 16.96 16.53 17.44
CA VAL A 14 18.41 16.49 17.25
C VAL A 14 18.74 15.86 15.88
N PHE A 15 17.92 14.90 15.44
CA PHE A 15 18.09 14.27 14.13
C PHE A 15 17.94 15.29 13.00
N ILE A 16 16.91 16.13 13.08
CA ILE A 16 16.67 17.17 12.07
C ILE A 16 17.75 18.24 12.12
N GLU A 17 18.18 18.60 13.32
CA GLU A 17 19.30 19.51 13.48
C GLU A 17 20.56 18.92 12.82
N PHE A 18 20.81 17.64 13.04
CA PHE A 18 21.93 16.93 12.43
C PHE A 18 21.90 17.05 10.91
N LEU A 19 20.75 16.71 10.32
CA LEU A 19 20.63 16.71 8.85
C LEU A 19 20.82 18.10 8.26
N THR A 20 20.28 19.11 8.93
CA THR A 20 20.28 20.47 8.40
C THR A 20 21.53 21.28 8.74
N THR A 21 22.29 20.86 9.77
CA THR A 21 23.46 21.64 10.20
C THR A 21 24.82 20.92 10.11
N PHE A 22 24.83 19.59 10.01
CA PHE A 22 26.11 18.88 9.93
C PHE A 22 26.93 19.37 8.75
N LYS A 23 28.19 19.68 9.00
CA LYS A 23 29.12 20.13 7.97
C LYS A 23 30.11 19.02 7.66
N GLY A 24 30.27 18.71 6.37
CA GLY A 24 31.17 17.64 5.94
C GLY A 24 32.63 18.04 6.00
N ASN A 25 33.44 17.32 5.24
CA ASN A 25 34.89 17.54 5.23
C ASN A 25 35.26 18.86 4.55
N ASN A 26 34.48 19.25 3.55
CA ASN A 26 34.74 20.48 2.80
C ASN A 26 33.89 21.66 3.28
N ASN A 27 33.38 21.59 4.51
CA ASN A 27 32.52 22.62 5.09
C ASN A 27 31.21 22.82 4.31
N GLN A 28 30.65 21.72 3.81
CA GLN A 28 29.39 21.75 3.05
C GLN A 28 28.35 20.92 3.80
N ASN A 29 27.09 21.29 3.64
CA ASN A 29 25.99 20.57 4.29
C ASN A 29 25.68 19.27 3.53
N LYS A 30 26.43 18.24 3.90
CA LYS A 30 26.38 16.92 3.26
C LYS A 30 24.97 16.38 3.12
N TYR A 31 24.18 16.46 4.20
CA TYR A 31 22.88 15.80 4.24
C TYR A 31 21.75 16.63 3.61
N ILE A 32 21.91 17.95 3.55
CA ILE A 32 20.97 18.78 2.78
C ILE A 32 21.02 18.37 1.31
N GLU A 33 22.23 18.19 0.80
CA GLU A 33 22.44 17.76 -0.59
C GLU A 33 21.93 16.33 -0.86
N ARG A 34 22.17 15.41 0.06
CA ARG A 34 21.65 14.05 -0.08
C ARG A 34 20.11 14.05 -0.09
N ILE A 35 19.51 14.86 0.78
CA ILE A 35 18.06 14.99 0.84
C ILE A 35 17.49 15.61 -0.44
N ASN A 36 18.15 16.62 -0.99
CA ASN A 36 17.71 17.23 -2.25
C ASN A 36 17.71 16.24 -3.41
N GLU A 37 18.75 15.43 -3.50
CA GLU A 37 18.81 14.35 -4.50
C GLU A 37 17.65 13.39 -4.34
N LEU A 38 17.41 13.00 -3.10
CA LEU A 38 16.31 12.11 -2.76
C LEU A 38 14.97 12.67 -3.27
N VAL A 39 14.77 13.97 -3.04
CA VAL A 39 13.56 14.66 -3.51
C VAL A 39 13.53 14.80 -5.03
N ALA A 40 14.62 15.26 -5.62
CA ALA A 40 14.67 15.50 -7.06
C ALA A 40 14.47 14.23 -7.88
N TYR A 41 15.10 13.13 -7.45
CA TYR A 41 15.03 11.87 -8.19
C TYR A 41 14.00 10.89 -7.62
N ARG A 42 13.22 11.33 -6.64
CA ARG A 42 12.18 10.49 -6.01
C ARG A 42 12.74 9.14 -5.55
N LYS A 43 13.82 9.21 -4.78
CA LYS A 43 14.37 8.04 -4.10
C LYS A 43 13.72 7.99 -2.73
N LYS A 44 13.78 6.85 -2.07
CA LYS A 44 13.08 6.68 -0.79
C LYS A 44 13.98 6.27 0.38
N SER A 45 15.29 6.32 0.19
CA SER A 45 16.23 5.98 1.26
C SER A 45 17.27 7.09 1.42
N LEU A 46 17.53 7.45 2.66
CA LEU A 46 18.64 8.34 2.98
C LEU A 46 19.73 7.52 3.67
N ILE A 47 20.92 7.52 3.09
CA ILE A 47 22.07 6.82 3.67
C ILE A 47 22.78 7.76 4.65
N ILE A 48 23.00 7.30 5.88
CA ILE A 48 23.69 8.10 6.90
C ILE A 48 24.92 7.37 7.42
N GLU A 49 26.04 8.10 7.48
CA GLU A 49 27.31 7.57 7.99
C GLU A 49 27.32 7.68 9.51
N PHE A 50 27.52 6.55 10.20
CA PHE A 50 27.50 6.53 11.67
C PHE A 50 28.46 7.55 12.29
N SER A 51 29.67 7.64 11.77
CA SER A 51 30.69 8.54 12.32
C SER A 51 30.28 10.00 12.25
N ASP A 52 29.53 10.39 11.21
CA ASP A 52 28.99 11.74 11.12
C ASP A 52 28.05 11.99 12.30
N VAL A 53 27.16 11.04 12.58
CA VAL A 53 26.21 11.19 13.68
C VAL A 53 26.94 11.24 15.03
N LEU A 54 27.93 10.36 15.20
CA LEU A 54 28.75 10.33 16.42
C LEU A 54 29.42 11.68 16.70
N SER A 55 30.05 12.25 15.69
CA SER A 55 30.67 13.58 15.79
C SER A 55 29.66 14.68 16.13
N PHE A 56 28.44 14.59 15.61
CA PHE A 56 27.44 15.61 15.86
C PHE A 56 26.79 15.47 17.24
N ASN A 57 26.39 14.25 17.60
CA ASN A 57 25.71 14.00 18.88
C ASN A 57 25.80 12.52 19.25
N GLU A 58 26.57 12.23 20.29
CA GLU A 58 26.85 10.84 20.66
C GLU A 58 25.62 10.11 21.18
N ASN A 59 24.79 10.79 21.95
CA ASN A 59 23.55 10.20 22.46
C ASN A 59 22.66 9.72 21.33
N LEU A 60 22.49 10.55 20.31
CA LEU A 60 21.75 10.15 19.12
C LEU A 60 22.41 8.92 18.46
N ALA A 61 23.72 8.99 18.24
CA ALA A 61 24.45 7.92 17.58
C ALA A 61 24.26 6.58 18.28
N TYR A 62 24.33 6.58 19.61
CA TYR A 62 24.20 5.35 20.39
C TYR A 62 22.76 4.89 20.50
N GLU A 63 21.83 5.83 20.54
CA GLU A 63 20.41 5.48 20.46
C GLU A 63 20.14 4.70 19.15
N ILE A 64 20.72 5.17 18.06
CA ILE A 64 20.51 4.55 16.75
C ILE A 64 20.98 3.09 16.69
N ILE A 65 22.14 2.81 17.28
CA ILE A 65 22.71 1.46 17.16
C ILE A 65 22.37 0.52 18.32
N ASN A 66 21.96 1.09 19.47
CA ASN A 66 21.54 0.27 20.62
C ASN A 66 20.03 0.20 20.86
N ASN A 67 19.27 1.16 20.33
CA ASN A 67 17.81 1.13 20.47
C ASN A 67 17.12 1.21 19.11
N THR A 68 17.66 0.46 18.15
CA THR A 68 17.34 0.60 16.73
C THR A 68 15.87 0.38 16.40
N LYS A 69 15.32 -0.72 16.90
CA LYS A 69 13.94 -1.11 16.62
C LYS A 69 12.96 0.03 16.91
N ILE A 70 13.15 0.68 18.05
CA ILE A 70 12.26 1.76 18.48
C ILE A 70 12.58 3.08 17.79
N ILE A 71 13.86 3.46 17.74
CA ILE A 71 14.22 4.80 17.29
C ILE A 71 14.11 5.02 15.77
N LEU A 72 14.44 4.00 14.98
CA LEU A 72 14.50 4.18 13.53
C LEU A 72 13.18 4.66 12.89
N PRO A 73 12.04 4.02 13.24
CA PRO A 73 10.75 4.52 12.76
C PRO A 73 10.46 5.97 13.13
N ILE A 74 10.93 6.40 14.30
CA ILE A 74 10.74 7.79 14.73
C ILE A 74 11.56 8.74 13.85
N LEU A 75 12.78 8.36 13.55
CA LEU A 75 13.64 9.17 12.68
C LEU A 75 13.10 9.21 11.26
N GLU A 76 12.60 8.07 10.78
CA GLU A 76 12.02 7.98 9.45
C GLU A 76 10.78 8.87 9.32
N GLY A 77 9.95 8.93 10.35
CA GLY A 77 8.79 9.85 10.39
C GLY A 77 9.19 11.30 10.36
N ALA A 78 10.20 11.65 11.14
CA ALA A 78 10.76 13.00 11.14
C ALA A 78 11.35 13.40 9.79
N LEU A 79 12.02 12.46 9.12
CA LEU A 79 12.60 12.73 7.80
C LEU A 79 11.50 12.99 6.78
N TYR A 80 10.47 12.15 6.80
CA TYR A 80 9.36 12.28 5.87
C TYR A 80 8.68 13.64 6.05
N ASP A 81 8.43 14.00 7.30
CA ASP A 81 7.89 15.32 7.67
C ASP A 81 8.74 16.46 7.10
N HIS A 82 10.05 16.33 7.23
CA HIS A 82 10.98 17.33 6.72
C HIS A 82 10.93 17.43 5.20
N ILE A 83 10.90 16.29 4.53
CA ILE A 83 10.85 16.26 3.07
C ILE A 83 9.57 16.94 2.55
N LEU A 84 8.43 16.66 3.18
CA LEU A 84 7.15 17.23 2.75
C LEU A 84 7.10 18.76 2.91
N GLN A 85 7.86 19.29 3.85
CA GLN A 85 7.99 20.74 3.99
C GLN A 85 8.84 21.35 2.87
N LEU A 86 9.84 20.61 2.40
CA LEU A 86 10.65 21.04 1.26
C LEU A 86 9.90 20.92 -0.06
N ASP A 87 9.17 19.82 -0.23
CA ASP A 87 8.38 19.57 -1.43
C ASP A 87 7.14 18.76 -1.08
N PRO A 88 5.99 19.44 -0.89
CA PRO A 88 4.73 18.77 -0.57
C PRO A 88 4.29 17.72 -1.61
N THR A 89 4.72 17.88 -2.86
CA THR A 89 4.34 16.95 -3.93
C THR A 89 5.04 15.59 -3.83
N TYR A 90 6.04 15.47 -2.97
CA TYR A 90 6.74 14.19 -2.76
C TYR A 90 5.78 13.07 -2.32
N GLN A 91 4.80 13.41 -1.49
CA GLN A 91 3.80 12.44 -1.01
C GLN A 91 2.89 11.88 -2.12
N ARG A 92 2.84 12.55 -3.27
CA ARG A 92 2.19 12.01 -4.47
C ARG A 92 2.86 10.72 -4.93
N ASP A 93 4.18 10.67 -4.81
CA ASP A 93 4.97 9.57 -5.37
C ASP A 93 5.46 8.58 -4.32
N ILE A 94 5.86 9.08 -3.15
CA ILE A 94 6.46 8.25 -2.12
C ILE A 94 5.71 8.42 -0.80
N GLU A 95 5.30 7.30 -0.21
CA GLU A 95 4.49 7.29 1.01
C GLU A 95 5.32 7.11 2.26
N LYS A 96 6.51 6.55 2.12
CA LYS A 96 7.38 6.31 3.27
C LYS A 96 8.85 6.25 2.85
N VAL A 97 9.71 6.61 3.80
CA VAL A 97 11.15 6.72 3.54
C VAL A 97 11.95 5.86 4.52
N HIS A 98 13.14 5.46 4.11
CA HIS A 98 14.04 4.65 4.94
C HIS A 98 15.26 5.47 5.34
N VAL A 99 15.69 5.30 6.59
CA VAL A 99 16.95 5.83 7.06
C VAL A 99 17.87 4.62 7.19
N ARG A 100 18.96 4.62 6.42
CA ARG A 100 19.85 3.47 6.34
C ARG A 100 21.22 3.85 6.85
N ILE A 101 21.60 3.28 8.00
CA ILE A 101 22.85 3.60 8.65
C ILE A 101 23.98 2.70 8.13
N VAL A 102 25.10 3.31 7.78
CA VAL A 102 26.29 2.57 7.35
C VAL A 102 27.48 2.87 8.25
N GLY A 103 28.48 1.99 8.24
CA GLY A 103 29.72 2.18 8.98
C GLY A 103 29.59 2.16 10.49
N ILE A 104 28.76 1.27 11.03
CA ILE A 104 28.61 1.15 12.48
C ILE A 104 29.76 0.34 13.11
N PRO A 105 30.12 0.64 14.37
CA PRO A 105 31.22 -0.08 15.04
C PRO A 105 30.75 -1.36 15.74
N ARG A 106 30.10 -2.24 14.98
CA ARG A 106 29.72 -3.56 15.48
C ARG A 106 29.77 -4.51 14.28
N VAL A 107 30.96 -4.63 13.70
CA VAL A 107 31.23 -5.59 12.66
C VAL A 107 31.54 -6.89 13.37
N ILE A 108 30.79 -7.94 13.05
CA ILE A 108 30.94 -9.23 13.70
C ILE A 108 31.34 -10.26 12.67
N GLU A 109 32.34 -11.07 13.00
CA GLU A 109 32.77 -12.15 12.14
C GLU A 109 31.75 -13.28 12.26
N LEU A 110 31.37 -13.86 11.11
CA LEU A 110 30.37 -14.92 11.07
C LEU A 110 30.69 -16.06 12.04
N ARG A 111 31.96 -16.45 12.05
CA ARG A 111 32.45 -17.56 12.86
C ARG A 111 32.34 -17.26 14.35
N LYS A 112 32.29 -15.98 14.71
CA LYS A 112 32.27 -15.55 16.11
C LYS A 112 30.91 -15.07 16.62
N ILE A 113 29.84 -15.24 15.83
CA ILE A 113 28.49 -14.84 16.26
C ILE A 113 28.07 -15.58 17.52
N ARG A 114 27.52 -14.83 18.48
CA ARG A 114 27.05 -15.42 19.74
C ARG A 114 25.57 -15.16 19.95
N SER A 115 24.98 -15.89 20.90
CA SER A 115 23.55 -15.79 21.19
C SER A 115 23.11 -14.39 21.59
N THR A 116 24.00 -13.64 22.22
CA THR A 116 23.70 -12.26 22.64
C THR A 116 23.68 -11.25 21.48
N ASP A 117 24.19 -11.66 20.31
CA ASP A 117 24.15 -10.81 19.11
C ASP A 117 22.75 -10.78 18.46
N ILE A 118 21.92 -11.77 18.76
CA ILE A 118 20.55 -11.81 18.23
C ILE A 118 19.74 -10.63 18.77
N GLY A 119 19.02 -9.97 17.87
CA GLY A 119 18.27 -8.77 18.23
C GLY A 119 19.05 -7.47 18.12
N LYS A 120 20.35 -7.55 17.84
CA LYS A 120 21.18 -6.36 17.72
C LYS A 120 21.41 -5.98 16.27
N LEU A 121 21.61 -4.68 16.04
CA LEU A 121 22.03 -4.18 14.75
C LEU A 121 23.51 -4.48 14.58
N ILE A 122 23.85 -5.35 13.63
CA ILE A 122 25.24 -5.75 13.40
C ILE A 122 25.60 -5.61 11.94
N THR A 123 26.90 -5.63 11.64
CA THR A 123 27.38 -5.66 10.28
C THR A 123 28.18 -6.93 10.03
N ILE A 124 27.89 -7.58 8.90
CA ILE A 124 28.68 -8.72 8.42
C ILE A 124 29.35 -8.31 7.11
N ASP A 125 30.65 -8.56 7.02
CA ASP A 125 31.44 -8.27 5.83
C ASP A 125 31.79 -9.61 5.18
N GLY A 126 31.21 -9.88 4.01
CA GLY A 126 31.40 -11.17 3.35
C GLY A 126 31.20 -11.13 1.85
N ILE A 127 31.08 -12.32 1.27
CA ILE A 127 30.93 -12.49 -0.17
C ILE A 127 29.53 -13.01 -0.46
N LEU A 128 28.84 -12.37 -1.39
CA LEU A 128 27.51 -12.80 -1.81
C LEU A 128 27.65 -14.04 -2.69
N VAL A 129 27.06 -15.15 -2.27
CA VAL A 129 27.22 -16.45 -2.95
C VAL A 129 26.09 -16.67 -3.95
N LYS A 130 24.86 -16.45 -3.51
CA LYS A 130 23.73 -16.51 -4.43
C LYS A 130 22.61 -15.61 -3.98
N VAL A 131 21.70 -15.38 -4.92
CA VAL A 131 20.61 -14.43 -4.76
C VAL A 131 19.43 -14.96 -5.57
N THR A 132 18.24 -14.95 -4.98
CA THR A 132 17.04 -15.37 -5.70
C THR A 132 16.57 -14.26 -6.61
N PRO A 133 15.78 -14.59 -7.65
CA PRO A 133 15.17 -13.52 -8.44
C PRO A 133 14.20 -12.72 -7.58
N VAL A 134 14.02 -11.44 -7.93
CA VAL A 134 13.13 -10.56 -7.17
C VAL A 134 11.70 -11.06 -7.27
N LYS A 135 11.01 -11.14 -6.14
CA LYS A 135 9.60 -11.46 -6.13
C LYS A 135 8.84 -10.35 -5.40
N GLU A 136 7.56 -10.20 -5.72
CA GLU A 136 6.70 -9.31 -4.96
C GLU A 136 5.96 -10.17 -3.95
N ARG A 137 5.83 -9.67 -2.73
CA ARG A 137 5.03 -10.32 -1.70
C ARG A 137 4.07 -9.29 -1.13
N ILE A 138 3.00 -9.80 -0.53
CA ILE A 138 2.04 -8.95 0.15
C ILE A 138 2.68 -8.40 1.43
N TYR A 139 2.78 -7.08 1.49
CA TYR A 139 3.35 -6.36 2.62
C TYR A 139 2.28 -6.17 3.68
N LYS A 140 1.07 -5.87 3.22
CA LYS A 140 -0.07 -5.67 4.09
C LYS A 140 -1.36 -5.95 3.31
N ALA A 141 -2.29 -6.66 3.92
CA ALA A 141 -3.55 -7.01 3.26
C ALA A 141 -4.56 -7.25 4.35
N THR A 142 -5.86 -7.18 4.01
CA THR A 142 -6.91 -7.53 4.96
C THR A 142 -7.64 -8.74 4.40
N TYR A 143 -7.91 -9.72 5.27
CA TYR A 143 -8.59 -10.95 4.88
C TYR A 143 -9.83 -11.13 5.75
N LYS A 144 -10.77 -11.94 5.26
CA LYS A 144 -11.92 -12.35 6.06
C LYS A 144 -11.93 -13.87 6.17
N HIS A 145 -12.00 -14.38 7.39
CA HIS A 145 -12.07 -15.83 7.63
C HIS A 145 -13.48 -16.31 7.32
N ILE A 146 -13.63 -16.96 6.17
CA ILE A 146 -14.93 -17.44 5.70
C ILE A 146 -15.27 -18.75 6.41
N HIS A 147 -15.93 -18.62 7.56
CA HIS A 147 -16.31 -19.76 8.39
C HIS A 147 -17.44 -19.35 9.33
N PRO A 148 -18.55 -20.11 9.35
CA PRO A 148 -19.75 -19.77 10.12
C PRO A 148 -19.50 -19.23 11.54
N ASP A 149 -18.55 -19.83 12.25
CA ASP A 149 -18.25 -19.45 13.63
C ASP A 149 -17.39 -18.19 13.77
N CYS A 150 -16.88 -17.66 12.67
CA CYS A 150 -15.95 -16.52 12.72
C CYS A 150 -16.41 -15.29 11.92
N MET A 151 -16.20 -15.32 10.59
CA MET A 151 -16.52 -14.18 9.72
C MET A 151 -15.93 -12.84 10.17
N GLN A 152 -14.71 -12.86 10.72
CA GLN A 152 -14.04 -11.64 11.13
C GLN A 152 -12.93 -11.26 10.17
N GLU A 153 -12.61 -9.97 10.14
CA GLU A 153 -11.55 -9.45 9.28
C GLU A 153 -10.28 -9.22 10.10
N PHE A 154 -9.13 -9.41 9.46
CA PHE A 154 -7.84 -9.17 10.11
C PHE A 154 -6.78 -8.76 9.10
N GLU A 155 -5.81 -7.95 9.57
CA GLU A 155 -4.68 -7.57 8.74
C GLU A 155 -3.62 -8.67 8.77
N TRP A 156 -2.91 -8.83 7.65
CA TRP A 156 -1.90 -9.87 7.51
C TRP A 156 -0.86 -9.46 6.45
N PRO A 157 0.43 -9.74 6.69
CA PRO A 157 1.00 -10.37 7.89
C PRO A 157 0.87 -9.48 9.12
N GLU A 158 0.99 -10.09 10.30
CA GLU A 158 0.75 -9.40 11.56
C GLU A 158 1.78 -8.29 11.80
N ASP A 159 3.05 -8.68 11.88
CA ASP A 159 4.14 -7.69 11.90
C ASP A 159 4.46 -7.23 10.47
N GLU A 160 5.61 -6.56 10.29
CA GLU A 160 6.07 -6.10 8.98
C GLU A 160 7.42 -6.73 8.63
N GLU A 161 7.46 -8.07 8.63
CA GLU A 161 8.67 -8.79 8.17
C GLU A 161 8.48 -10.27 7.83
N MET A 162 9.02 -10.71 6.69
CA MET A 162 8.86 -12.09 6.21
C MET A 162 10.16 -12.93 6.28
N PRO A 163 10.29 -13.79 7.32
CA PRO A 163 11.51 -14.58 7.51
C PRO A 163 11.73 -15.69 6.47
N GLU A 164 12.35 -15.33 5.35
CA GLU A 164 12.86 -16.34 4.38
C GLU A 164 11.75 -16.97 3.49
N VAL A 165 10.51 -17.04 4.00
CA VAL A 165 9.42 -17.71 3.29
C VAL A 165 8.29 -16.74 2.93
N LEU A 166 7.70 -16.93 1.75
CA LEU A 166 6.53 -16.17 1.32
C LEU A 166 5.29 -17.07 1.28
N GLU A 167 4.15 -16.53 1.73
CA GLU A 167 2.91 -17.32 1.84
C GLU A 167 1.61 -16.48 1.81
N MET A 168 0.48 -17.19 1.90
CA MET A 168 -0.84 -16.65 2.22
C MET A 168 -1.19 -17.08 3.65
N PRO A 169 -2.16 -16.41 4.29
CA PRO A 169 -2.51 -16.72 5.68
C PRO A 169 -3.19 -18.08 5.82
N THR A 170 -2.65 -18.95 6.67
CA THR A 170 -3.14 -20.31 6.84
C THR A 170 -3.92 -20.53 8.15
N ILE A 171 -3.46 -19.89 9.23
CA ILE A 171 -4.15 -19.93 10.52
C ILE A 171 -4.67 -18.54 10.88
N CYS A 172 -5.92 -18.48 11.33
CA CYS A 172 -6.59 -17.22 11.64
C CYS A 172 -6.12 -16.66 12.98
N PRO A 173 -5.76 -15.36 13.01
CA PRO A 173 -5.31 -14.75 14.25
C PRO A 173 -6.43 -14.41 15.24
N LYS A 174 -7.67 -14.36 14.77
CA LYS A 174 -8.82 -14.00 15.62
C LYS A 174 -9.40 -15.22 16.36
N CYS A 175 -9.57 -16.33 15.64
CA CYS A 175 -10.14 -17.55 16.24
C CYS A 175 -9.16 -18.73 16.33
N GLY A 176 -7.94 -18.56 15.83
CA GLY A 176 -6.89 -19.58 15.96
C GLY A 176 -7.07 -20.85 15.15
N LYS A 177 -7.96 -20.83 14.16
CA LYS A 177 -8.26 -22.01 13.35
C LYS A 177 -8.02 -21.73 11.87
N PRO A 178 -7.61 -22.77 11.10
CA PRO A 178 -7.44 -22.61 9.67
C PRO A 178 -8.77 -22.61 8.92
N GLY A 179 -8.70 -22.46 7.59
CA GLY A 179 -9.90 -22.47 6.74
C GLY A 179 -9.74 -21.61 5.51
N GLN A 180 -10.86 -21.06 5.02
CA GLN A 180 -10.87 -20.24 3.82
C GLN A 180 -10.76 -18.75 4.18
N PHE A 181 -9.82 -18.06 3.54
CA PHE A 181 -9.59 -16.65 3.77
C PHE A 181 -9.80 -15.84 2.50
N ARG A 182 -10.74 -14.90 2.54
CA ARG A 182 -11.06 -14.06 1.39
C ARG A 182 -10.27 -12.76 1.47
N LEU A 183 -9.51 -12.47 0.42
CA LEU A 183 -8.79 -11.20 0.30
C LEU A 183 -9.78 -10.05 0.11
N ILE A 184 -9.67 -9.02 0.93
CA ILE A 184 -10.56 -7.86 0.83
C ILE A 184 -9.99 -6.89 -0.22
N PRO A 185 -10.73 -6.64 -1.31
CA PRO A 185 -10.20 -5.78 -2.38
C PRO A 185 -9.81 -4.37 -1.95
N GLU A 186 -8.76 -3.87 -2.58
CA GLU A 186 -8.33 -2.46 -2.46
C GLU A 186 -7.66 -2.13 -1.12
N LYS A 187 -7.30 -3.14 -0.33
CA LYS A 187 -6.59 -2.91 0.93
C LYS A 187 -5.24 -3.64 0.95
N THR A 188 -4.75 -4.05 -0.23
CA THR A 188 -3.49 -4.77 -0.35
C THR A 188 -2.33 -3.85 -0.78
N LYS A 189 -1.19 -4.01 -0.11
CA LYS A 189 0.07 -3.40 -0.54
C LYS A 189 1.13 -4.47 -0.80
N LEU A 190 1.96 -4.27 -1.82
CA LEU A 190 3.04 -5.19 -2.18
C LEU A 190 4.41 -4.57 -1.92
N ILE A 191 5.42 -5.43 -1.75
CA ILE A 191 6.81 -5.00 -1.63
C ILE A 191 7.72 -6.00 -2.36
N ASP A 192 8.81 -5.50 -2.95
CA ASP A 192 9.79 -6.38 -3.60
C ASP A 192 10.66 -7.06 -2.56
N TRP A 193 11.03 -8.31 -2.81
CA TRP A 193 11.75 -9.12 -1.87
C TRP A 193 12.68 -10.08 -2.59
N GLN A 194 13.85 -10.33 -2.01
CA GLN A 194 14.69 -11.45 -2.45
C GLN A 194 15.55 -11.96 -1.29
N LYS A 195 15.93 -13.23 -1.41
CA LYS A 195 16.75 -13.90 -0.43
C LYS A 195 18.13 -14.11 -1.03
N ALA A 196 19.15 -13.96 -0.20
CA ALA A 196 20.53 -14.16 -0.63
C ALA A 196 21.31 -14.87 0.46
N VAL A 197 22.47 -15.40 0.08
CA VAL A 197 23.37 -16.04 1.03
C VAL A 197 24.71 -15.33 0.98
N ILE A 198 25.17 -14.90 2.15
CA ILE A 198 26.47 -14.27 2.30
C ILE A 198 27.40 -15.30 2.92
N GLN A 199 28.66 -15.25 2.53
CA GLN A 199 29.64 -16.24 2.93
C GLN A 199 30.90 -15.57 3.44
N GLU A 200 31.56 -16.25 4.37
CA GLU A 200 32.87 -15.85 4.90
C GLU A 200 33.84 -15.54 3.76
N ARG A 201 34.60 -14.45 3.88
CA ARG A 201 35.65 -14.14 2.91
C ARG A 201 36.76 -15.19 3.00
N PRO A 202 37.36 -15.59 1.86
CA PRO A 202 38.39 -16.64 1.84
C PRO A 202 39.51 -16.44 2.88
N GLU A 203 39.91 -15.20 3.10
CA GLU A 203 40.97 -14.88 4.08
C GLU A 203 40.58 -15.16 5.53
N GLU A 204 39.28 -15.26 5.82
CA GLU A 204 38.82 -15.59 7.16
C GLU A 204 38.61 -17.09 7.37
N VAL A 205 38.53 -17.85 6.28
CA VAL A 205 38.23 -19.28 6.37
C VAL A 205 39.52 -20.04 6.68
N PRO A 206 39.60 -20.68 7.86
CA PRO A 206 40.81 -21.44 8.18
C PRO A 206 41.04 -22.60 7.21
N SER A 207 42.30 -22.92 6.99
CA SER A 207 42.66 -24.07 6.15
C SER A 207 41.95 -25.32 6.66
N GLY A 208 41.47 -26.14 5.72
CA GLY A 208 40.83 -27.41 6.06
C GLY A 208 39.38 -27.34 6.51
N GLN A 209 38.77 -26.14 6.47
CA GLN A 209 37.39 -25.95 6.94
C GLN A 209 36.57 -25.24 5.88
N LEU A 210 35.24 -25.43 5.91
CA LEU A 210 34.34 -24.81 4.93
C LEU A 210 33.89 -23.42 5.39
N PRO A 211 33.60 -22.53 4.43
CA PRO A 211 33.16 -21.18 4.80
C PRO A 211 31.83 -21.20 5.54
N ARG A 212 31.69 -20.37 6.58
CA ARG A 212 30.41 -20.21 7.24
C ARG A 212 29.50 -19.34 6.34
N GLN A 213 28.20 -19.53 6.45
CA GLN A 213 27.22 -18.82 5.62
C GLN A 213 26.08 -18.24 6.44
N LEU A 214 25.43 -17.21 5.90
CA LEU A 214 24.28 -16.58 6.54
C LEU A 214 23.23 -16.19 5.50
N GLU A 215 21.96 -16.48 5.79
CA GLU A 215 20.88 -16.07 4.91
C GLU A 215 20.51 -14.64 5.22
N ILE A 216 20.32 -13.85 4.17
CA ILE A 216 19.89 -12.47 4.35
C ILE A 216 18.67 -12.19 3.48
N ILE A 217 17.91 -11.18 3.88
CA ILE A 217 16.71 -10.79 3.16
C ILE A 217 16.88 -9.34 2.72
N LEU A 218 16.76 -9.12 1.42
CA LEU A 218 16.82 -7.78 0.83
C LEU A 218 15.40 -7.42 0.38
N GLU A 219 14.91 -6.29 0.88
CA GLU A 219 13.55 -5.83 0.58
C GLU A 219 13.52 -4.43 0.00
N ASP A 220 12.47 -4.17 -0.76
CA ASP A 220 12.15 -2.84 -1.28
C ASP A 220 13.29 -2.34 -2.16
N ASP A 221 13.83 -1.15 -1.91
CA ASP A 221 14.85 -0.62 -2.80
C ASP A 221 16.26 -1.25 -2.60
N LEU A 222 16.41 -2.21 -1.68
CA LEU A 222 17.68 -2.97 -1.52
C LEU A 222 17.79 -4.19 -2.44
N VAL A 223 16.70 -4.53 -3.13
CA VAL A 223 16.76 -5.64 -4.09
C VAL A 223 17.70 -5.23 -5.24
N ASP A 224 18.33 -6.22 -5.85
CA ASP A 224 19.34 -6.03 -6.91
C ASP A 224 20.44 -5.04 -6.58
N SER A 225 20.85 -5.00 -5.32
CA SER A 225 21.90 -4.09 -4.91
C SER A 225 23.29 -4.73 -5.06
N ALA A 226 23.37 -6.04 -5.29
CA ALA A 226 24.63 -6.73 -5.57
C ALA A 226 24.41 -8.08 -6.26
N ARG A 227 25.47 -8.65 -6.82
CA ARG A 227 25.39 -9.93 -7.55
C ARG A 227 26.41 -10.93 -6.99
N PRO A 228 26.23 -12.23 -7.28
CA PRO A 228 27.18 -13.25 -6.79
C PRO A 228 28.64 -12.90 -7.07
N GLY A 229 29.48 -13.00 -6.05
CA GLY A 229 30.90 -12.69 -6.16
C GLY A 229 31.28 -11.36 -5.55
N ASP A 230 30.33 -10.43 -5.47
CA ASP A 230 30.61 -9.13 -4.87
C ASP A 230 30.94 -9.28 -3.40
N ARG A 231 31.89 -8.46 -2.93
CA ARG A 231 32.16 -8.33 -1.51
C ARG A 231 31.24 -7.26 -0.94
N VAL A 232 30.52 -7.59 0.13
CA VAL A 232 29.47 -6.70 0.66
C VAL A 232 29.55 -6.58 2.17
N LYS A 233 29.23 -5.39 2.66
CA LYS A 233 29.01 -5.17 4.09
C LYS A 233 27.53 -4.94 4.29
N VAL A 234 26.88 -5.90 4.96
CA VAL A 234 25.44 -5.81 5.20
C VAL A 234 25.19 -5.52 6.66
N THR A 235 24.36 -4.52 6.91
CA THR A 235 24.01 -4.11 8.25
C THR A 235 22.53 -4.41 8.43
N GLY A 236 22.19 -5.01 9.56
CA GLY A 236 20.82 -5.39 9.83
C GLY A 236 20.69 -6.01 11.19
N ILE A 237 19.47 -6.27 11.60
CA ILE A 237 19.21 -6.90 12.87
C ILE A 237 19.27 -8.41 12.68
N LEU A 238 20.14 -9.06 13.43
CA LEU A 238 20.26 -10.51 13.39
C LEU A 238 19.06 -11.10 14.13
N ASP A 239 18.39 -12.06 13.50
CA ASP A 239 17.13 -12.57 13.99
C ASP A 239 17.08 -14.09 13.87
N ILE A 240 16.16 -14.72 14.59
CA ILE A 240 15.93 -16.16 14.48
C ILE A 240 14.70 -16.42 13.60
N LYS A 241 14.68 -17.58 12.95
CA LYS A 241 13.63 -17.95 12.00
C LYS A 241 13.01 -19.29 12.37
N GLN A 242 11.74 -19.29 12.76
CA GLN A 242 11.07 -20.55 13.14
C GLN A 242 10.83 -21.50 11.96
N ASP A 243 11.85 -22.29 11.63
CA ASP A 243 11.76 -23.33 10.60
C ASP A 243 11.13 -24.60 11.18
N SER A 244 9.87 -24.49 11.61
CA SER A 244 9.17 -25.56 12.32
C SER A 244 10.09 -26.51 13.10
N PRO A 245 10.79 -25.98 14.13
CA PRO A 245 11.56 -26.86 15.01
C PRO A 245 10.58 -27.65 15.87
N VAL A 246 10.97 -28.84 16.31
CA VAL A 246 10.03 -29.72 17.03
C VAL A 246 9.25 -28.93 18.09
N LYS A 247 9.95 -28.15 18.90
CA LYS A 247 9.33 -27.22 19.83
C LYS A 247 10.13 -25.90 19.86
N ARG A 248 9.74 -24.99 20.75
CA ARG A 248 10.48 -23.74 20.96
C ARG A 248 11.83 -23.97 21.66
N GLY A 249 11.87 -24.92 22.59
CA GLY A 249 13.07 -25.16 23.38
C GLY A 249 14.24 -25.80 22.65
N SER A 250 14.04 -26.11 21.37
CA SER A 250 15.14 -26.49 20.49
C SER A 250 16.05 -25.29 20.26
N ARG A 251 17.27 -25.37 20.77
CA ARG A 251 18.26 -24.31 20.52
C ARG A 251 18.53 -24.18 19.02
N ALA A 252 18.37 -22.95 18.51
CA ALA A 252 18.60 -22.65 17.09
C ALA A 252 20.09 -22.65 16.76
N VAL A 253 20.48 -23.54 15.83
CA VAL A 253 21.87 -23.68 15.42
C VAL A 253 22.16 -22.85 14.17
N PHE A 254 21.39 -23.10 13.12
CA PHE A 254 21.54 -22.39 11.84
C PHE A 254 20.32 -21.55 11.50
N ASP A 255 19.31 -21.56 12.40
CA ASP A 255 18.04 -20.90 12.13
C ASP A 255 18.13 -19.40 12.44
N ILE A 256 19.17 -18.74 11.93
CA ILE A 256 19.27 -17.29 12.03
C ILE A 256 19.30 -16.70 10.64
N TYR A 257 18.95 -15.41 10.56
CA TYR A 257 19.00 -14.70 9.30
C TYR A 257 19.05 -13.22 9.62
N MET A 258 19.36 -12.41 8.61
CA MET A 258 19.39 -10.97 8.75
C MET A 258 18.43 -10.32 7.78
N LYS A 259 17.56 -9.47 8.31
CA LYS A 259 16.83 -8.52 7.49
C LYS A 259 17.74 -7.32 7.31
N VAL A 260 18.18 -7.10 6.08
CA VAL A 260 19.19 -6.08 5.81
C VAL A 260 18.58 -4.68 5.87
N SER A 261 19.22 -3.78 6.60
CA SER A 261 18.82 -2.36 6.64
C SER A 261 19.74 -1.46 5.81
N SER A 262 20.99 -1.89 5.59
CA SER A 262 21.87 -1.18 4.66
C SER A 262 22.93 -2.10 4.05
N ILE A 263 23.42 -1.71 2.88
CA ILE A 263 24.41 -2.51 2.18
C ILE A 263 25.43 -1.62 1.47
N GLU A 264 26.70 -1.97 1.65
CA GLU A 264 27.81 -1.34 0.94
C GLU A 264 28.47 -2.43 0.12
N VAL A 265 28.76 -2.11 -1.13
CA VAL A 265 29.32 -3.09 -2.07
C VAL A 265 30.70 -2.69 -2.55
N SER A 266 31.60 -3.67 -2.55
CA SER A 266 32.82 -3.63 -3.34
C SER A 266 32.61 -4.59 -4.51
N GLN A 267 32.46 -4.02 -5.70
CA GLN A 267 32.01 -4.74 -6.89
C GLN A 267 33.08 -5.66 -7.49
N LYS A 268 32.75 -6.93 -7.69
CA LYS A 268 33.68 -7.89 -8.31
C LYS A 268 33.79 -7.57 -9.81
N VAL A 269 35.02 -7.57 -10.31
CA VAL A 269 35.27 -7.26 -11.71
C VAL A 269 35.12 -8.52 -12.57
N ILE B 9 -8.78 15.84 13.01
CA ILE B 9 -9.01 16.46 11.66
C ILE B 9 -10.32 15.91 11.08
N ASP B 10 -11.31 16.79 10.95
CA ASP B 10 -12.62 16.40 10.45
C ASP B 10 -12.75 16.71 8.96
N TYR B 11 -12.38 15.75 8.13
CA TYR B 11 -12.40 15.92 6.68
C TYR B 11 -13.83 16.03 6.13
N ARG B 12 -14.79 15.41 6.81
CA ARG B 12 -16.20 15.54 6.45
C ARG B 12 -16.62 17.01 6.37
N ASP B 13 -16.23 17.77 7.39
CA ASP B 13 -16.58 19.17 7.50
C ASP B 13 -15.87 20.03 6.45
N VAL B 14 -14.59 19.75 6.24
CA VAL B 14 -13.78 20.50 5.27
C VAL B 14 -14.28 20.24 3.85
N PHE B 15 -14.74 19.01 3.59
CA PHE B 15 -15.31 18.66 2.30
C PHE B 15 -16.57 19.47 1.99
N ILE B 16 -17.48 19.58 2.96
CA ILE B 16 -18.70 20.34 2.78
C ILE B 16 -18.38 21.84 2.66
N GLU B 17 -17.43 22.31 3.43
CA GLU B 17 -16.94 23.69 3.30
C GLU B 17 -16.40 23.92 1.89
N PHE B 18 -15.61 22.97 1.39
CA PHE B 18 -15.08 23.05 0.03
C PHE B 18 -16.19 23.19 -1.02
N LEU B 19 -17.18 22.29 -0.95
CA LEU B 19 -18.25 22.29 -1.93
C LEU B 19 -19.06 23.58 -1.89
N THR B 20 -19.31 24.09 -0.68
CA THR B 20 -20.19 25.26 -0.52
C THR B 20 -19.47 26.61 -0.64
N THR B 21 -18.15 26.63 -0.46
CA THR B 21 -17.40 27.90 -0.49
C THR B 21 -16.34 28.05 -1.58
N PHE B 22 -15.90 26.96 -2.21
CA PHE B 22 -14.90 27.08 -3.27
C PHE B 22 -15.39 28.02 -4.36
N LYS B 23 -14.53 28.97 -4.75
CA LYS B 23 -14.82 29.90 -5.84
C LYS B 23 -14.01 29.52 -7.05
N GLY B 24 -14.67 29.41 -8.20
CA GLY B 24 -14.00 29.05 -9.45
C GLY B 24 -13.17 30.18 -10.03
N ASN B 25 -12.87 30.08 -11.32
CA ASN B 25 -12.05 31.06 -12.02
C ASN B 25 -12.79 32.40 -12.18
N ASN B 26 -14.11 32.35 -12.33
CA ASN B 26 -14.93 33.53 -12.53
C ASN B 26 -15.59 34.03 -11.24
N ASN B 27 -15.04 33.62 -10.10
CA ASN B 27 -15.58 33.98 -8.78
C ASN B 27 -17.01 33.46 -8.55
N GLN B 28 -17.28 32.26 -9.03
CA GLN B 28 -18.59 31.63 -8.85
C GLN B 28 -18.43 30.32 -8.08
N ASN B 29 -19.47 29.93 -7.37
CA ASN B 29 -19.46 28.68 -6.60
C ASN B 29 -19.67 27.47 -7.50
N LYS B 30 -18.56 27.01 -8.07
CA LYS B 30 -18.54 25.94 -9.06
C LYS B 30 -19.30 24.69 -8.61
N TYR B 31 -19.09 24.27 -7.37
CA TYR B 31 -19.63 23.00 -6.89
C TYR B 31 -21.07 23.08 -6.37
N ILE B 32 -21.52 24.28 -5.96
CA ILE B 32 -22.95 24.48 -5.67
C ILE B 32 -23.75 24.25 -6.95
N GLU B 33 -23.26 24.79 -8.07
CA GLU B 33 -23.91 24.63 -9.36
C GLU B 33 -23.87 23.19 -9.88
N ARG B 34 -22.74 22.50 -9.71
CA ARG B 34 -22.64 21.09 -10.10
C ARG B 34 -23.61 20.24 -9.27
N ILE B 35 -23.70 20.52 -7.98
CA ILE B 35 -24.64 19.81 -7.12
C ILE B 35 -26.11 20.07 -7.52
N ASN B 36 -26.45 21.32 -7.85
CA ASN B 36 -27.81 21.64 -8.29
C ASN B 36 -28.20 20.91 -9.58
N GLU B 37 -27.28 20.84 -10.53
CA GLU B 37 -27.47 20.06 -11.76
C GLU B 37 -27.68 18.57 -11.45
N LEU B 38 -26.86 18.04 -10.55
CA LEU B 38 -27.00 16.67 -10.08
C LEU B 38 -28.41 16.41 -9.54
N VAL B 39 -28.91 17.34 -8.72
CA VAL B 39 -30.25 17.24 -8.15
C VAL B 39 -31.34 17.42 -9.22
N ALA B 40 -31.22 18.45 -10.04
CA ALA B 40 -32.23 18.77 -11.04
C ALA B 40 -32.39 17.66 -12.08
N TYR B 41 -31.28 17.10 -12.53
CA TYR B 41 -31.30 16.06 -13.56
C TYR B 41 -31.20 14.64 -13.00
N ARG B 42 -31.25 14.51 -11.68
CA ARG B 42 -31.20 13.20 -11.02
C ARG B 42 -30.01 12.36 -11.51
N LYS B 43 -28.84 12.98 -11.46
CA LYS B 43 -27.58 12.27 -11.70
C LYS B 43 -27.10 11.80 -10.34
N LYS B 44 -26.19 10.82 -10.32
CA LYS B 44 -25.73 10.24 -9.05
C LYS B 44 -24.22 10.33 -8.82
N SER B 45 -23.53 11.10 -9.64
CA SER B 45 -22.10 11.29 -9.48
C SER B 45 -21.76 12.77 -9.48
N LEU B 46 -20.91 13.17 -8.54
CA LEU B 46 -20.34 14.51 -8.54
C LEU B 46 -18.89 14.40 -8.95
N ILE B 47 -18.52 15.08 -10.03
CA ILE B 47 -17.15 15.09 -10.52
C ILE B 47 -16.40 16.22 -9.84
N ILE B 48 -15.25 15.90 -9.23
CA ILE B 48 -14.44 16.90 -8.55
C ILE B 48 -13.04 16.96 -9.14
N GLU B 49 -12.59 18.18 -9.44
CA GLU B 49 -11.28 18.41 -10.03
C GLU B 49 -10.25 18.45 -8.91
N PHE B 50 -9.24 17.59 -8.99
CA PHE B 50 -8.23 17.52 -7.93
C PHE B 50 -7.59 18.87 -7.61
N SER B 51 -7.23 19.63 -8.64
CA SER B 51 -6.56 20.93 -8.45
C SER B 51 -7.41 21.93 -7.67
N ASP B 52 -8.73 21.87 -7.84
CA ASP B 52 -9.62 22.71 -7.02
C ASP B 52 -9.47 22.36 -5.55
N VAL B 53 -9.47 21.06 -5.24
CA VAL B 53 -9.36 20.61 -3.84
C VAL B 53 -8.00 21.02 -3.26
N LEU B 54 -6.95 20.83 -4.06
CA LEU B 54 -5.59 21.19 -3.66
C LEU B 54 -5.48 22.68 -3.29
N SER B 55 -6.01 23.54 -4.14
CA SER B 55 -6.08 24.99 -3.85
C SER B 55 -6.86 25.32 -2.58
N PHE B 56 -7.94 24.60 -2.32
CA PHE B 56 -8.77 24.89 -1.15
C PHE B 56 -8.15 24.37 0.15
N ASN B 57 -7.69 23.12 0.13
CA ASN B 57 -7.13 22.50 1.32
C ASN B 57 -6.27 21.29 0.94
N GLU B 58 -4.95 21.44 1.12
CA GLU B 58 -4.02 20.41 0.66
C GLU B 58 -4.14 19.10 1.44
N ASN B 59 -4.36 19.19 2.74
CA ASN B 59 -4.57 18.01 3.57
C ASN B 59 -5.74 17.17 3.07
N LEU B 60 -6.86 17.83 2.76
CA LEU B 60 -8.01 17.13 2.18
C LEU B 60 -7.63 16.49 0.85
N ALA B 61 -6.99 17.27 -0.02
CA ALA B 61 -6.60 16.80 -1.35
C ALA B 61 -5.76 15.52 -1.26
N TYR B 62 -4.78 15.52 -0.36
CA TYR B 62 -3.88 14.38 -0.22
C TYR B 62 -4.53 13.20 0.50
N GLU B 63 -5.43 13.49 1.45
CA GLU B 63 -6.26 12.44 2.07
C GLU B 63 -7.06 11.70 1.00
N ILE B 64 -7.63 12.44 0.06
CA ILE B 64 -8.44 11.87 -1.00
C ILE B 64 -7.64 10.94 -1.89
N ILE B 65 -6.42 11.31 -2.26
CA ILE B 65 -5.65 10.51 -3.21
C ILE B 65 -4.77 9.43 -2.54
N ASN B 66 -4.41 9.64 -1.28
CA ASN B 66 -3.55 8.67 -0.55
C ASN B 66 -4.28 7.80 0.47
N ASN B 67 -5.46 8.22 0.92
CA ASN B 67 -6.25 7.40 1.86
C ASN B 67 -7.65 7.15 1.31
N THR B 68 -7.70 6.86 0.02
CA THR B 68 -8.94 6.84 -0.76
C THR B 68 -9.98 5.84 -0.25
N LYS B 69 -9.55 4.62 -0.04
CA LYS B 69 -10.45 3.54 0.37
C LYS B 69 -11.26 3.90 1.61
N ILE B 70 -10.61 4.51 2.60
CA ILE B 70 -11.28 4.92 3.83
C ILE B 70 -12.07 6.23 3.68
N ILE B 71 -11.45 7.24 3.06
CA ILE B 71 -12.05 8.58 3.06
C ILE B 71 -13.24 8.73 2.10
N LEU B 72 -13.20 8.07 0.93
CA LEU B 72 -14.21 8.32 -0.10
C LEU B 72 -15.65 8.02 0.35
N PRO B 73 -15.87 6.86 1.01
CA PRO B 73 -17.22 6.57 1.53
C PRO B 73 -17.71 7.61 2.54
N ILE B 74 -16.79 8.19 3.32
CA ILE B 74 -17.14 9.24 4.26
C ILE B 74 -17.59 10.50 3.52
N LEU B 75 -16.87 10.87 2.47
CA LEU B 75 -17.23 12.03 1.67
C LEU B 75 -18.55 11.82 0.93
N GLU B 76 -18.75 10.61 0.41
CA GLU B 76 -19.98 10.27 -0.29
C GLU B 76 -21.21 10.33 0.62
N GLY B 77 -21.05 9.87 1.86
CA GLY B 77 -22.11 9.99 2.87
C GLY B 77 -22.44 11.43 3.18
N ALA B 78 -21.41 12.25 3.34
CA ALA B 78 -21.59 13.68 3.58
C ALA B 78 -22.29 14.38 2.43
N LEU B 79 -21.95 14.01 1.20
CA LEU B 79 -22.59 14.59 0.02
C LEU B 79 -24.06 14.22 -0.05
N TYR B 80 -24.37 12.95 0.18
CA TYR B 80 -25.75 12.46 0.15
C TYR B 80 -26.60 13.20 1.17
N ASP B 81 -26.07 13.30 2.38
CA ASP B 81 -26.70 14.05 3.46
C ASP B 81 -27.01 15.49 3.04
N HIS B 82 -26.03 16.13 2.40
CA HIS B 82 -26.18 17.50 1.94
C HIS B 82 -27.26 17.62 0.87
N ILE B 83 -27.27 16.68 -0.08
CA ILE B 83 -28.28 16.68 -1.14
C ILE B 83 -29.71 16.53 -0.59
N LEU B 84 -29.90 15.61 0.36
CA LEU B 84 -31.23 15.39 0.94
C LEU B 84 -31.76 16.60 1.71
N GLN B 85 -30.86 17.43 2.24
CA GLN B 85 -31.27 18.68 2.88
C GLN B 85 -31.72 19.73 1.84
N LEU B 86 -31.09 19.71 0.65
CA LEU B 86 -31.52 20.58 -0.44
C LEU B 86 -32.82 20.12 -1.09
N ASP B 87 -32.96 18.80 -1.28
CA ASP B 87 -34.16 18.21 -1.87
C ASP B 87 -34.38 16.81 -1.29
N PRO B 88 -35.26 16.71 -0.26
CA PRO B 88 -35.58 15.42 0.36
C PRO B 88 -36.13 14.37 -0.61
N THR B 89 -36.75 14.80 -1.71
CA THR B 89 -37.33 13.87 -2.68
C THR B 89 -36.29 13.15 -3.54
N TYR B 90 -35.03 13.59 -3.47
CA TYR B 90 -33.95 12.93 -4.20
C TYR B 90 -33.82 11.44 -3.83
N GLN B 91 -34.01 11.12 -2.55
CA GLN B 91 -33.97 9.73 -2.05
C GLN B 91 -35.04 8.80 -2.64
N ARG B 92 -36.11 9.39 -3.17
CA ARG B 92 -37.12 8.65 -3.92
C ARG B 92 -36.54 8.04 -5.20
N ASP B 93 -35.59 8.73 -5.82
CA ASP B 93 -35.01 8.30 -7.10
C ASP B 93 -33.61 7.68 -6.96
N ILE B 94 -32.79 8.24 -6.08
CA ILE B 94 -31.39 7.82 -5.93
C ILE B 94 -31.05 7.50 -4.48
N GLU B 95 -30.48 6.30 -4.28
CA GLU B 95 -30.16 5.79 -2.94
C GLU B 95 -28.69 6.00 -2.56
N LYS B 96 -27.82 6.16 -3.56
CA LYS B 96 -26.36 6.22 -3.35
C LYS B 96 -25.73 7.20 -4.33
N VAL B 97 -24.76 7.99 -3.88
CA VAL B 97 -24.08 8.95 -4.76
C VAL B 97 -22.58 8.66 -4.78
N HIS B 98 -21.95 9.05 -5.87
CA HIS B 98 -20.52 8.85 -6.03
C HIS B 98 -19.79 10.18 -6.08
N VAL B 99 -18.62 10.22 -5.45
CA VAL B 99 -17.70 11.33 -5.59
C VAL B 99 -16.57 10.82 -6.46
N ARG B 100 -16.41 11.45 -7.61
CA ARG B 100 -15.47 10.98 -8.62
C ARG B 100 -14.40 12.03 -8.87
N ILE B 101 -13.18 11.72 -8.44
CA ILE B 101 -12.05 12.63 -8.56
C ILE B 101 -11.37 12.46 -9.91
N VAL B 102 -11.14 13.58 -10.58
CA VAL B 102 -10.45 13.60 -11.88
C VAL B 102 -9.23 14.51 -11.82
N GLY B 103 -8.32 14.32 -12.77
CA GLY B 103 -7.11 15.14 -12.89
C GLY B 103 -6.14 15.02 -11.73
N ILE B 104 -5.95 13.81 -11.21
CA ILE B 104 -5.00 13.59 -10.13
C ILE B 104 -3.57 13.55 -10.68
N PRO B 105 -2.59 14.00 -9.89
CA PRO B 105 -1.20 14.00 -10.33
C PRO B 105 -0.49 12.67 -10.11
N ARG B 106 -1.08 11.58 -10.60
CA ARG B 106 -0.46 10.27 -10.51
C ARG B 106 -0.93 9.45 -11.70
N VAL B 107 -0.57 9.97 -12.87
CA VAL B 107 -0.78 9.26 -14.12
C VAL B 107 0.42 8.31 -14.30
N ILE B 108 0.13 7.02 -14.45
CA ILE B 108 1.18 6.01 -14.54
C ILE B 108 1.08 5.29 -15.87
N GLU B 109 2.22 5.11 -16.53
CA GLU B 109 2.27 4.37 -17.79
C GLU B 109 2.15 2.89 -17.48
N LEU B 110 1.33 2.18 -18.25
CA LEU B 110 1.09 0.75 -18.04
C LEU B 110 2.38 -0.05 -17.97
N ARG B 111 3.29 0.25 -18.88
CA ARG B 111 4.57 -0.47 -18.98
C ARG B 111 5.45 -0.23 -17.76
N LYS B 112 5.23 0.88 -17.06
CA LYS B 112 6.06 1.27 -15.92
C LYS B 112 5.44 1.01 -14.55
N ILE B 113 4.30 0.31 -14.51
CA ILE B 113 3.65 -0.02 -13.23
C ILE B 113 4.61 -0.83 -12.36
N ARG B 114 4.71 -0.43 -11.10
CA ARG B 114 5.55 -1.13 -10.14
C ARG B 114 4.73 -1.70 -8.98
N SER B 115 5.35 -2.61 -8.24
CA SER B 115 4.66 -3.29 -7.13
C SER B 115 4.15 -2.31 -6.07
N THR B 116 4.85 -1.18 -5.88
CA THR B 116 4.43 -0.16 -4.92
C THR B 116 3.21 0.67 -5.37
N ASP B 117 2.82 0.57 -6.64
CA ASP B 117 1.61 1.24 -7.14
C ASP B 117 0.32 0.52 -6.73
N ILE B 118 0.43 -0.76 -6.38
CA ILE B 118 -0.73 -1.54 -5.92
C ILE B 118 -1.26 -0.96 -4.61
N GLY B 119 -2.58 -0.79 -4.55
CA GLY B 119 -3.23 -0.16 -3.40
C GLY B 119 -3.34 1.35 -3.48
N LYS B 120 -2.77 1.97 -4.51
CA LYS B 120 -2.83 3.42 -4.68
C LYS B 120 -3.89 3.82 -5.70
N LEU B 121 -4.47 5.00 -5.51
CA LEU B 121 -5.34 5.61 -6.52
C LEU B 121 -4.44 6.16 -7.64
N ILE B 122 -4.58 5.59 -8.83
CA ILE B 122 -3.76 5.98 -9.98
C ILE B 122 -4.64 6.26 -11.18
N THR B 123 -4.05 6.92 -12.18
CA THR B 123 -4.71 7.13 -13.46
C THR B 123 -3.93 6.44 -14.58
N ILE B 124 -4.65 5.72 -15.43
CA ILE B 124 -4.11 5.16 -16.66
C ILE B 124 -4.77 5.85 -17.84
N ASP B 125 -3.95 6.30 -18.78
CA ASP B 125 -4.42 6.95 -20.01
C ASP B 125 -4.17 5.97 -21.15
N GLY B 126 -5.24 5.42 -21.73
CA GLY B 126 -5.12 4.41 -22.77
C GLY B 126 -6.31 4.33 -23.69
N ILE B 127 -6.38 3.24 -24.44
CA ILE B 127 -7.42 3.01 -25.42
C ILE B 127 -8.28 1.85 -24.96
N LEU B 128 -9.59 2.05 -24.99
CA LEU B 128 -10.54 1.00 -24.65
C LEU B 128 -10.64 -0.01 -25.80
N VAL B 129 -10.31 -1.27 -25.52
CA VAL B 129 -10.23 -2.31 -26.55
C VAL B 129 -11.51 -3.14 -26.64
N LYS B 130 -11.94 -3.66 -25.51
CA LYS B 130 -13.07 -4.58 -25.39
C LYS B 130 -13.92 -4.14 -24.22
N VAL B 131 -15.24 -4.35 -24.30
CA VAL B 131 -16.15 -4.15 -23.18
C VAL B 131 -17.21 -5.25 -23.21
N THR B 132 -17.51 -5.86 -22.05
CA THR B 132 -18.55 -6.88 -21.99
C THR B 132 -19.94 -6.25 -21.98
N PRO B 133 -20.97 -7.02 -22.33
CA PRO B 133 -22.33 -6.51 -22.15
C PRO B 133 -22.64 -6.26 -20.68
N VAL B 134 -23.50 -5.29 -20.42
CA VAL B 134 -23.84 -4.90 -19.05
C VAL B 134 -24.58 -6.05 -18.35
N LYS B 135 -24.17 -6.36 -17.12
CA LYS B 135 -24.88 -7.33 -16.28
C LYS B 135 -25.20 -6.72 -14.93
N GLU B 136 -26.11 -7.37 -14.19
CA GLU B 136 -26.53 -6.92 -12.87
C GLU B 136 -26.16 -7.89 -11.74
N ARG B 137 -25.69 -7.34 -10.62
CA ARG B 137 -25.40 -8.10 -9.39
C ARG B 137 -26.03 -7.42 -8.18
N ILE B 138 -26.20 -8.15 -7.08
CA ILE B 138 -26.73 -7.57 -5.85
C ILE B 138 -25.70 -6.65 -5.19
N TYR B 139 -26.06 -5.39 -5.00
CA TYR B 139 -25.18 -4.43 -4.33
C TYR B 139 -25.59 -4.11 -2.88
N LYS B 140 -26.85 -4.34 -2.54
CA LYS B 140 -27.32 -4.14 -1.16
C LYS B 140 -28.45 -5.11 -0.88
N ALA B 141 -28.44 -5.72 0.31
CA ALA B 141 -29.50 -6.61 0.78
C ALA B 141 -30.06 -6.26 2.14
N THR B 142 -31.36 -6.51 2.26
CA THR B 142 -32.09 -6.35 3.50
C THR B 142 -32.59 -7.73 3.89
N TYR B 143 -32.46 -8.06 5.16
CA TYR B 143 -32.90 -9.34 5.69
C TYR B 143 -33.89 -9.12 6.84
N LYS B 144 -34.68 -10.14 7.14
CA LYS B 144 -35.54 -10.13 8.32
C LYS B 144 -35.18 -11.32 9.20
N HIS B 145 -34.89 -11.06 10.47
CA HIS B 145 -34.58 -12.11 11.43
C HIS B 145 -35.87 -12.82 11.83
N ILE B 146 -36.08 -14.02 11.28
CA ILE B 146 -37.30 -14.79 11.52
C ILE B 146 -37.18 -15.49 12.87
N HIS B 147 -37.62 -14.79 13.92
CA HIS B 147 -37.56 -15.31 15.28
C HIS B 147 -38.56 -14.54 16.15
N PRO B 148 -39.45 -15.27 16.86
CA PRO B 148 -40.53 -14.66 17.66
C PRO B 148 -40.13 -13.40 18.46
N ASP B 149 -38.95 -13.42 19.06
CA ASP B 149 -38.49 -12.31 19.91
C ASP B 149 -37.93 -11.11 19.12
N CYS B 150 -37.78 -11.23 17.81
CA CYS B 150 -37.15 -10.18 17.01
C CYS B 150 -38.03 -9.67 15.85
N MET B 151 -38.08 -10.40 14.74
CA MET B 151 -38.81 -9.99 13.53
C MET B 151 -38.47 -8.58 13.03
N GLN B 152 -37.20 -8.17 13.15
CA GLN B 152 -36.76 -6.86 12.65
C GLN B 152 -35.98 -7.01 11.36
N GLU B 153 -35.98 -5.94 10.55
CA GLU B 153 -35.25 -5.90 9.30
C GLU B 153 -33.93 -5.13 9.45
N PHE B 154 -32.91 -5.54 8.72
CA PHE B 154 -31.61 -4.87 8.74
C PHE B 154 -30.89 -5.00 7.40
N GLU B 155 -30.08 -4.00 7.07
CA GLU B 155 -29.23 -4.05 5.88
C GLU B 155 -27.97 -4.86 6.17
N TRP B 156 -27.47 -5.54 5.15
CA TRP B 156 -26.29 -6.39 5.30
C TRP B 156 -25.58 -6.42 3.93
N PRO B 157 -24.30 -6.01 3.88
CA PRO B 157 -23.44 -5.53 4.97
C PRO B 157 -23.96 -4.23 5.63
N GLU B 158 -23.48 -3.95 6.84
CA GLU B 158 -24.03 -2.86 7.66
C GLU B 158 -23.83 -1.47 7.06
N ASP B 159 -22.56 -1.05 6.94
CA ASP B 159 -22.19 0.29 6.49
C ASP B 159 -21.20 0.22 5.32
N GLU B 160 -21.44 -0.76 4.44
CA GLU B 160 -20.67 -0.85 3.21
C GLU B 160 -21.50 -1.65 2.21
N GLU B 161 -21.06 -1.72 0.95
CA GLU B 161 -21.82 -2.39 -0.09
C GLU B 161 -21.41 -3.86 -0.07
N MET B 162 -22.30 -4.70 -0.58
CA MET B 162 -22.05 -6.14 -0.68
C MET B 162 -20.86 -6.36 -1.59
N PRO B 163 -19.90 -7.21 -1.18
CA PRO B 163 -18.79 -7.56 -2.07
C PRO B 163 -19.24 -8.42 -3.22
N GLU B 164 -18.40 -8.53 -4.25
CA GLU B 164 -18.70 -9.31 -5.46
C GLU B 164 -19.45 -10.62 -5.21
N VAL B 165 -19.17 -11.28 -4.09
CA VAL B 165 -19.88 -12.49 -3.69
C VAL B 165 -20.73 -12.19 -2.46
N LEU B 166 -21.91 -12.81 -2.40
CA LEU B 166 -22.80 -12.69 -1.22
C LEU B 166 -22.16 -13.35 -0.03
N GLU B 167 -22.37 -12.76 1.15
CA GLU B 167 -22.01 -13.39 2.42
C GLU B 167 -23.27 -13.52 3.22
N MET B 168 -23.57 -14.74 3.65
CA MET B 168 -24.83 -15.00 4.35
C MET B 168 -24.72 -14.49 5.78
N PRO B 169 -25.66 -13.62 6.20
CA PRO B 169 -25.64 -13.11 7.57
C PRO B 169 -25.95 -14.21 8.58
N THR B 170 -25.07 -14.40 9.56
CA THR B 170 -25.19 -15.47 10.56
C THR B 170 -25.62 -14.98 11.94
N ILE B 171 -25.13 -13.80 12.34
CA ILE B 171 -25.53 -13.18 13.61
C ILE B 171 -26.28 -11.88 13.31
N CYS B 172 -27.41 -11.69 14.01
CA CYS B 172 -28.27 -10.53 13.80
C CYS B 172 -27.70 -9.27 14.45
N PRO B 173 -27.65 -8.16 13.70
CA PRO B 173 -27.12 -6.91 14.25
C PRO B 173 -28.08 -6.18 15.19
N LYS B 174 -29.37 -6.52 15.15
CA LYS B 174 -30.38 -5.85 15.98
C LYS B 174 -30.50 -6.48 17.36
N CYS B 175 -30.54 -7.81 17.42
CA CYS B 175 -30.70 -8.53 18.69
C CYS B 175 -29.47 -9.36 19.10
N GLY B 176 -28.44 -9.40 18.25
CA GLY B 176 -27.18 -10.06 18.59
C GLY B 176 -27.21 -11.58 18.65
N LYS B 177 -28.26 -12.20 18.10
CA LYS B 177 -28.41 -13.65 18.15
C LYS B 177 -28.56 -14.24 16.75
N PRO B 178 -28.07 -15.47 16.55
CA PRO B 178 -28.21 -16.15 15.25
C PRO B 178 -29.62 -16.70 15.03
N GLY B 179 -29.83 -17.31 13.87
CA GLY B 179 -31.13 -17.89 13.53
C GLY B 179 -31.41 -17.87 12.05
N GLN B 180 -32.69 -17.78 11.70
CA GLN B 180 -33.14 -17.77 10.31
C GLN B 180 -33.30 -16.34 9.79
N PHE B 181 -32.71 -16.06 8.64
CA PHE B 181 -32.77 -14.74 8.02
C PHE B 181 -33.40 -14.81 6.63
N ARG B 182 -34.51 -14.09 6.45
CA ARG B 182 -35.23 -14.08 5.18
C ARG B 182 -34.78 -12.89 4.34
N LEU B 183 -34.32 -13.17 3.12
CA LEU B 183 -33.94 -12.13 2.18
C LEU B 183 -35.17 -11.37 1.72
N ILE B 184 -35.15 -10.04 1.82
CA ILE B 184 -36.26 -9.20 1.39
C ILE B 184 -36.10 -8.86 -0.08
N PRO B 185 -37.05 -9.30 -0.93
CA PRO B 185 -36.92 -9.00 -2.35
C PRO B 185 -36.95 -7.49 -2.60
N GLU B 186 -37.96 -6.81 -2.04
CA GLU B 186 -38.22 -5.41 -2.37
C GLU B 186 -37.30 -4.38 -1.73
N LYS B 187 -36.40 -4.81 -0.85
CA LYS B 187 -35.39 -3.93 -0.30
C LYS B 187 -33.98 -4.38 -0.66
N THR B 188 -33.88 -5.29 -1.61
CA THR B 188 -32.60 -5.83 -2.07
C THR B 188 -32.38 -5.23 -3.44
N LYS B 189 -31.19 -4.67 -3.66
CA LYS B 189 -30.98 -3.77 -4.78
C LYS B 189 -29.81 -4.18 -5.64
N LEU B 190 -29.92 -3.83 -6.91
CA LEU B 190 -28.99 -4.30 -7.92
C LEU B 190 -28.15 -3.17 -8.47
N ILE B 191 -26.98 -3.53 -8.98
CA ILE B 191 -26.08 -2.56 -9.56
C ILE B 191 -25.60 -3.12 -10.90
N ASP B 192 -25.52 -2.23 -11.89
CA ASP B 192 -25.02 -2.60 -13.21
C ASP B 192 -23.50 -2.73 -13.15
N TRP B 193 -22.96 -3.67 -13.91
CA TRP B 193 -21.52 -3.85 -13.96
C TRP B 193 -21.08 -4.38 -15.34
N GLN B 194 -19.87 -4.01 -15.73
CA GLN B 194 -19.24 -4.57 -16.92
C GLN B 194 -17.73 -4.55 -16.79
N LYS B 195 -17.08 -5.47 -17.52
CA LYS B 195 -15.63 -5.59 -17.55
C LYS B 195 -15.15 -5.05 -18.89
N ALA B 196 -14.01 -4.38 -18.87
CA ALA B 196 -13.41 -3.83 -20.07
C ALA B 196 -11.91 -4.02 -20.01
N VAL B 197 -11.29 -3.85 -21.16
CA VAL B 197 -9.84 -3.91 -21.26
C VAL B 197 -9.35 -2.58 -21.83
N ILE B 198 -8.41 -1.98 -21.12
CA ILE B 198 -7.74 -0.77 -21.59
C ILE B 198 -6.35 -1.17 -22.08
N GLN B 199 -5.89 -0.48 -23.12
CA GLN B 199 -4.66 -0.85 -23.80
C GLN B 199 -3.78 0.37 -23.98
N GLU B 200 -2.46 0.12 -23.96
CA GLU B 200 -1.45 1.12 -24.24
C GLU B 200 -1.76 1.88 -25.52
N ARG B 201 -1.59 3.20 -25.50
CA ARG B 201 -1.73 4.00 -26.72
C ARG B 201 -0.60 3.65 -27.69
N PRO B 202 -0.91 3.59 -29.00
CA PRO B 202 0.10 3.20 -30.02
C PRO B 202 1.44 3.92 -29.89
N GLU B 203 1.40 5.21 -29.56
CA GLU B 203 2.62 6.01 -29.40
C GLU B 203 3.51 5.59 -28.24
N GLU B 204 2.96 4.85 -27.28
CA GLU B 204 3.74 4.33 -26.16
C GLU B 204 4.30 2.91 -26.42
N VAL B 205 3.76 2.22 -27.41
CA VAL B 205 4.16 0.83 -27.68
C VAL B 205 5.46 0.78 -28.51
N PRO B 206 6.55 0.22 -27.95
CA PRO B 206 7.80 0.13 -28.72
C PRO B 206 7.69 -0.79 -29.92
N SER B 207 8.45 -0.48 -30.97
CA SER B 207 8.50 -1.33 -32.16
C SER B 207 8.82 -2.76 -31.79
N GLY B 208 8.15 -3.71 -32.43
CA GLY B 208 8.41 -5.13 -32.23
C GLY B 208 7.77 -5.76 -31.00
N GLN B 209 6.97 -4.99 -30.26
CA GLN B 209 6.36 -5.45 -29.02
C GLN B 209 4.84 -5.22 -29.05
N LEU B 210 4.11 -6.03 -28.28
CA LEU B 210 2.65 -5.93 -28.23
C LEU B 210 2.21 -4.92 -27.17
N PRO B 211 1.05 -4.29 -27.37
CA PRO B 211 0.56 -3.32 -26.39
C PRO B 211 0.26 -4.00 -25.05
N ARG B 212 0.62 -3.35 -23.95
CA ARG B 212 0.25 -3.85 -22.63
C ARG B 212 -1.22 -3.57 -22.40
N GLN B 213 -1.87 -4.40 -21.59
CA GLN B 213 -3.29 -4.27 -21.34
C GLN B 213 -3.59 -4.34 -19.85
N LEU B 214 -4.74 -3.81 -19.47
CA LEU B 214 -5.20 -3.84 -18.08
C LEU B 214 -6.71 -4.07 -18.04
N GLU B 215 -7.13 -5.00 -17.18
CA GLU B 215 -8.56 -5.27 -17.02
C GLU B 215 -9.12 -4.25 -16.03
N ILE B 216 -10.27 -3.68 -16.37
CA ILE B 216 -10.94 -2.71 -15.51
C ILE B 216 -12.39 -3.11 -15.32
N ILE B 217 -12.98 -2.65 -14.23
CA ILE B 217 -14.38 -2.90 -13.91
C ILE B 217 -15.10 -1.56 -13.84
N LEU B 218 -16.17 -1.44 -14.64
CA LEU B 218 -17.04 -0.26 -14.65
C LEU B 218 -18.37 -0.62 -14.01
N GLU B 219 -18.76 0.14 -12.99
CA GLU B 219 -19.99 -0.12 -12.27
C GLU B 219 -20.93 1.08 -12.25
N ASP B 220 -22.23 0.77 -12.11
CA ASP B 220 -23.27 1.77 -11.96
C ASP B 220 -23.30 2.72 -13.15
N ASP B 221 -23.25 4.04 -12.94
CA ASP B 221 -23.33 5.00 -14.05
C ASP B 221 -22.05 5.16 -14.84
N LEU B 222 -21.02 4.38 -14.50
CA LEU B 222 -19.82 4.36 -15.32
C LEU B 222 -19.98 3.35 -16.45
N VAL B 223 -21.02 2.54 -16.41
CA VAL B 223 -21.26 1.56 -17.45
C VAL B 223 -21.66 2.31 -18.73
N ASP B 224 -21.31 1.76 -19.88
CA ASP B 224 -21.52 2.39 -21.18
C ASP B 224 -21.02 3.85 -21.24
N SER B 225 -19.92 4.14 -20.55
CA SER B 225 -19.33 5.50 -20.54
C SER B 225 -18.37 5.72 -21.70
N ALA B 226 -17.99 4.64 -22.37
CA ALA B 226 -17.13 4.73 -23.53
C ALA B 226 -17.24 3.45 -24.36
N ARG B 227 -16.78 3.51 -25.60
CA ARG B 227 -16.87 2.39 -26.51
C ARG B 227 -15.49 2.04 -27.06
N PRO B 228 -15.35 0.83 -27.63
CA PRO B 228 -14.06 0.43 -28.19
C PRO B 228 -13.48 1.48 -29.14
N GLY B 229 -12.21 1.82 -28.94
CA GLY B 229 -11.53 2.81 -29.78
C GLY B 229 -11.34 4.15 -29.09
N ASP B 230 -12.21 4.47 -28.14
CA ASP B 230 -12.10 5.74 -27.42
C ASP B 230 -10.82 5.79 -26.60
N ARG B 231 -10.21 6.97 -26.55
CA ARG B 231 -9.09 7.22 -25.67
C ARG B 231 -9.66 7.69 -24.33
N VAL B 232 -9.23 7.05 -23.26
CA VAL B 232 -9.82 7.27 -21.94
C VAL B 232 -8.76 7.42 -20.86
N LYS B 233 -9.04 8.27 -19.88
CA LYS B 233 -8.27 8.33 -18.66
C LYS B 233 -9.11 7.74 -17.55
N VAL B 234 -8.69 6.59 -17.04
CA VAL B 234 -9.42 5.92 -15.95
C VAL B 234 -8.65 6.04 -14.65
N THR B 235 -9.35 6.44 -13.62
CA THR B 235 -8.76 6.61 -12.30
C THR B 235 -9.42 5.60 -11.40
N GLY B 236 -8.61 4.91 -10.59
CA GLY B 236 -9.10 3.87 -9.70
C GLY B 236 -7.95 3.32 -8.86
N ILE B 237 -8.28 2.47 -7.89
CA ILE B 237 -7.25 1.84 -7.07
C ILE B 237 -6.77 0.59 -7.79
N LEU B 238 -5.46 0.53 -8.03
CA LEU B 238 -4.88 -0.64 -8.66
C LEU B 238 -4.80 -1.76 -7.64
N ASP B 239 -5.29 -2.93 -8.01
CA ASP B 239 -5.48 -4.02 -7.06
C ASP B 239 -5.02 -5.34 -7.67
N ILE B 240 -4.80 -6.33 -6.82
CA ILE B 240 -4.50 -7.69 -7.27
C ILE B 240 -5.75 -8.56 -7.20
N LYS B 241 -5.79 -9.61 -8.01
CA LYS B 241 -6.85 -10.61 -7.89
C LYS B 241 -6.33 -11.70 -6.96
N GLN B 242 -7.24 -12.27 -6.17
CA GLN B 242 -6.98 -13.48 -5.41
C GLN B 242 -7.31 -14.67 -6.30
N ASP B 243 -6.30 -15.42 -6.71
CA ASP B 243 -6.52 -16.58 -7.60
C ASP B 243 -5.28 -17.47 -7.61
N SER B 244 -5.35 -18.57 -8.35
CA SER B 244 -4.17 -19.37 -8.64
C SER B 244 -3.27 -18.59 -9.58
N PRO B 245 -2.12 -18.11 -9.09
CA PRO B 245 -1.26 -17.31 -9.97
C PRO B 245 -0.53 -18.16 -11.02
N VAL B 246 0.14 -19.21 -10.57
CA VAL B 246 0.88 -20.13 -11.46
C VAL B 246 1.77 -19.33 -12.41
N LYS B 247 2.69 -18.57 -11.83
CA LYS B 247 3.56 -17.64 -12.59
C LYS B 247 4.97 -18.17 -12.69
N ARG B 248 5.26 -18.85 -13.79
CA ARG B 248 6.52 -19.55 -13.99
C ARG B 248 7.64 -18.57 -14.38
N GLY B 249 8.49 -18.24 -13.43
CA GLY B 249 9.62 -17.33 -13.68
C GLY B 249 9.28 -15.85 -13.77
N SER B 250 8.01 -15.50 -13.51
CA SER B 250 7.57 -14.09 -13.47
C SER B 250 7.96 -13.35 -12.17
N ARG B 251 8.43 -12.12 -12.34
CA ARG B 251 8.77 -11.24 -11.22
C ARG B 251 7.48 -10.77 -10.55
N ALA B 252 6.54 -10.34 -11.37
CA ALA B 252 5.17 -10.09 -10.94
C ALA B 252 4.47 -11.41 -10.63
N VAL B 253 4.02 -11.56 -9.39
CA VAL B 253 3.36 -12.79 -8.95
C VAL B 253 1.86 -12.68 -9.21
N PHE B 254 1.28 -11.51 -8.98
CA PHE B 254 -0.18 -11.36 -8.99
C PHE B 254 -0.71 -10.69 -10.26
N ASP B 255 -1.83 -11.21 -10.77
CA ASP B 255 -2.59 -10.52 -11.79
C ASP B 255 -3.25 -9.29 -11.19
N ILE B 256 -3.40 -8.23 -11.98
CA ILE B 256 -3.88 -6.96 -11.47
C ILE B 256 -5.11 -6.47 -12.24
N TYR B 257 -5.85 -5.57 -11.62
CA TYR B 257 -7.03 -4.97 -12.24
C TYR B 257 -7.34 -3.67 -11.53
N MET B 258 -8.24 -2.88 -12.11
CA MET B 258 -8.67 -1.62 -11.52
C MET B 258 -10.20 -1.56 -11.43
N LYS B 259 -10.72 -1.29 -10.24
CA LYS B 259 -12.13 -0.90 -10.11
C LYS B 259 -12.15 0.62 -10.36
N VAL B 260 -12.79 1.04 -11.45
CA VAL B 260 -12.72 2.42 -11.88
C VAL B 260 -13.58 3.32 -11.00
N SER B 261 -13.00 4.43 -10.53
CA SER B 261 -13.75 5.44 -9.77
C SER B 261 -14.07 6.70 -10.60
N SER B 262 -13.29 6.98 -11.64
CA SER B 262 -13.65 8.05 -12.58
C SER B 262 -13.11 7.79 -13.96
N ILE B 263 -13.78 8.36 -14.97
CA ILE B 263 -13.37 8.19 -16.34
C ILE B 263 -13.58 9.49 -17.13
N GLU B 264 -12.54 9.87 -17.86
CA GLU B 264 -12.61 10.98 -18.80
C GLU B 264 -12.38 10.40 -20.18
N VAL B 265 -13.21 10.82 -21.13
CA VAL B 265 -13.15 10.30 -22.50
C VAL B 265 -12.77 11.46 -23.40
N SER B 266 -11.59 11.39 -24.01
CA SER B 266 -11.10 12.48 -24.87
C SER B 266 -11.52 12.26 -26.32
#